data_5T48
#
_entry.id   5T48
#
_cell.length_a   45.622
_cell.length_b   66.196
_cell.length_c   75.618
_cell.angle_alpha   90.00
_cell.angle_beta   90.00
_cell.angle_gamma   90.00
#
_symmetry.space_group_name_H-M   'P 21 21 21'
#
loop_
_entity.id
_entity.type
_entity.pdbx_description
1 polymer 'Eukaryotic translation initiation factor 4E'
2 polymer 'Eukaryotic translation initiation factor 4G, isoform A'
3 non-polymer "7-METHYL-GUANOSINE-5'-TRIPHOSPHATE"
4 water water
#
loop_
_entity_poly.entity_id
_entity_poly.type
_entity_poly.pdbx_seq_one_letter_code
_entity_poly.pdbx_strand_id
1 'polypeptide(L)'
;GPHMKHPLMNVWTLWYLENDRSKSWEDMQNEITSFDTVEDFWSLYNHIKPPSEIKLGSDYSLFKKNIRPMWEDAANKQGG
RWVITLNKSSKTDLDNLWLDVLLCLIGEAFDHSDQICGAVINIRGKSNKISIWTADGNNEEAALEIGHKLRDALRLGRNN
SLQYQLHKDTMVKQGSNVKSIYTL
;
A
2 'polypeptide(L)' GPHMSIINYNEGQWSPNNPSGKKQYDREQLLQLREVKASRIQPEVKNVSILPQPNLMPSFIRNN B
#
# COMPACT_ATOMS: atom_id res chain seq x y z
N PRO A 2 -21.55 19.75 -6.18
CA PRO A 2 -22.62 18.77 -6.38
C PRO A 2 -22.17 17.33 -6.11
N HIS A 3 -20.95 17.01 -6.55
CA HIS A 3 -20.39 15.69 -6.36
C HIS A 3 -19.68 15.63 -5.01
N MET A 4 -20.11 14.72 -4.14
CA MET A 4 -19.53 14.53 -2.82
C MET A 4 -18.52 13.40 -2.88
N LYS A 5 -17.26 13.70 -2.56
CA LYS A 5 -16.22 12.69 -2.57
C LYS A 5 -16.34 11.79 -1.35
N HIS A 6 -15.70 10.62 -1.44
CA HIS A 6 -15.74 9.65 -0.37
C HIS A 6 -14.46 9.75 0.45
N PRO A 7 -14.51 10.22 1.70
CA PRO A 7 -13.26 10.43 2.45
C PRO A 7 -12.66 9.10 2.89
N LEU A 8 -11.33 9.07 2.89
CA LEU A 8 -10.59 7.92 3.39
C LEU A 8 -10.34 8.09 4.88
N MET A 9 -10.19 6.97 5.58
CA MET A 9 -9.92 7.02 7.01
CA MET A 9 -9.92 7.02 7.01
C MET A 9 -8.58 7.68 7.32
N ASN A 10 -7.67 7.71 6.35
CA ASN A 10 -6.36 8.32 6.53
C ASN A 10 -6.02 9.19 5.32
N VAL A 11 -5.12 10.14 5.55
CA VAL A 11 -4.48 10.87 4.47
C VAL A 11 -3.24 10.10 4.04
N TRP A 12 -3.10 9.87 2.73
CA TRP A 12 -2.01 9.10 2.19
C TRP A 12 -1.15 9.98 1.27
N THR A 13 0.14 9.65 1.20
CA THR A 13 1.09 10.39 0.41
C THR A 13 1.81 9.41 -0.50
N LEU A 14 1.85 9.71 -1.79
CA LEU A 14 2.58 8.90 -2.75
C LEU A 14 4.01 9.42 -2.86
N TRP A 15 4.97 8.50 -2.77
CA TRP A 15 6.37 8.81 -2.98
C TRP A 15 6.89 8.01 -4.17
N TYR A 16 7.76 8.63 -4.96
CA TYR A 16 8.42 7.96 -6.07
C TYR A 16 9.92 8.13 -5.90
N LEU A 17 10.62 7.01 -5.78
CA LEU A 17 12.08 7.01 -5.69
C LEU A 17 12.66 6.70 -7.06
N GLU A 18 13.59 7.54 -7.50
CA GLU A 18 14.31 7.31 -8.75
C GLU A 18 15.78 7.20 -8.41
N ASN A 19 16.38 6.07 -8.77
CA ASN A 19 17.77 5.85 -8.42
C ASN A 19 18.64 6.95 -9.01
N ASP A 20 19.44 7.58 -8.16
CA ASP A 20 20.34 8.67 -8.57
C ASP A 20 21.49 8.68 -7.59
N ARG A 21 22.60 8.04 -7.97
CA ARG A 21 23.73 7.87 -7.08
C ARG A 21 24.33 9.21 -6.65
N SER A 22 24.11 10.26 -7.44
CA SER A 22 24.60 11.59 -7.06
C SER A 22 23.91 12.13 -5.83
N LYS A 23 22.81 11.51 -5.40
CA LYS A 23 22.06 11.93 -4.23
C LYS A 23 22.07 10.82 -3.19
N SER A 24 21.90 11.21 -1.93
CA SER A 24 21.65 10.22 -0.89
C SER A 24 20.33 9.52 -1.15
N TRP A 25 20.18 8.34 -0.54
CA TRP A 25 18.96 7.56 -0.76
C TRP A 25 17.73 8.37 -0.38
N GLU A 26 17.76 9.06 0.77
CA GLU A 26 16.63 9.89 1.17
C GLU A 26 16.27 10.90 0.09
N ASP A 27 17.28 11.55 -0.50
CA ASP A 27 17.03 12.56 -1.52
C ASP A 27 16.58 11.95 -2.84
N MET A 28 16.65 10.63 -3.01
CA MET A 28 16.06 9.98 -4.16
C MET A 28 14.53 9.90 -4.05
N GLN A 29 13.99 10.02 -2.85
CA GLN A 29 12.55 9.99 -2.64
C GLN A 29 11.94 11.31 -3.08
N ASN A 30 10.88 11.25 -3.89
CA ASN A 30 10.17 12.43 -4.36
C ASN A 30 8.73 12.35 -3.89
N GLU A 31 8.32 13.32 -3.07
CA GLU A 31 6.94 13.41 -2.61
C GLU A 31 6.07 13.95 -3.74
N ILE A 32 5.14 13.13 -4.21
CA ILE A 32 4.29 13.53 -5.34
C ILE A 32 3.11 14.34 -4.82
N THR A 33 2.12 13.65 -4.28
CA THR A 33 0.92 14.32 -3.80
C THR A 33 0.33 13.53 -2.64
N SER A 34 -0.49 14.21 -1.86
CA SER A 34 -1.28 13.59 -0.81
C SER A 34 -2.76 13.65 -1.19
N PHE A 35 -3.51 12.64 -0.76
CA PHE A 35 -4.93 12.58 -1.02
C PHE A 35 -5.64 12.01 0.20
N ASP A 36 -6.93 12.35 0.33
CA ASP A 36 -7.71 11.86 1.45
C ASP A 36 -9.11 11.43 1.02
N THR A 37 -9.34 11.20 -0.27
CA THR A 37 -10.61 10.68 -0.76
C THR A 37 -10.34 9.62 -1.81
N VAL A 38 -11.35 8.77 -2.02
CA VAL A 38 -11.24 7.75 -3.06
C VAL A 38 -11.02 8.41 -4.42
N GLU A 39 -11.83 9.43 -4.74
CA GLU A 39 -11.75 10.08 -6.04
C GLU A 39 -10.37 10.68 -6.26
N ASP A 40 -9.81 11.33 -5.24
CA ASP A 40 -8.51 11.97 -5.41
C ASP A 40 -7.40 10.93 -5.56
N PHE A 41 -7.53 9.78 -4.91
CA PHE A 41 -6.60 8.68 -5.15
C PHE A 41 -6.62 8.29 -6.62
N TRP A 42 -7.82 8.10 -7.18
CA TRP A 42 -7.94 7.69 -8.57
C TRP A 42 -7.41 8.78 -9.50
N SER A 43 -7.70 10.05 -9.19
CA SER A 43 -7.15 11.13 -10.00
C SER A 43 -5.63 11.06 -10.05
N LEU A 44 -5.01 10.60 -8.97
CA LEU A 44 -3.57 10.41 -8.96
C LEU A 44 -3.17 9.16 -9.74
N TYR A 45 -3.71 7.99 -9.34
CA TYR A 45 -3.28 6.73 -9.92
C TYR A 45 -3.56 6.67 -11.41
N ASN A 46 -4.69 7.22 -11.84
CA ASN A 46 -5.09 7.11 -13.24
C ASN A 46 -4.06 7.73 -14.18
N HIS A 47 -3.29 8.71 -13.71
CA HIS A 47 -2.44 9.49 -14.59
C HIS A 47 -0.96 9.38 -14.24
N ILE A 48 -0.56 8.33 -13.52
CA ILE A 48 0.85 8.04 -13.30
C ILE A 48 1.15 6.65 -13.87
N LYS A 49 2.41 6.46 -14.23
CA LYS A 49 2.82 5.19 -14.81
C LYS A 49 2.55 4.05 -13.84
N PRO A 50 2.01 2.92 -14.29
CA PRO A 50 1.93 1.75 -13.42
C PRO A 50 3.31 1.21 -13.12
N PRO A 51 3.46 0.42 -12.05
CA PRO A 51 4.80 -0.07 -11.70
C PRO A 51 5.53 -0.75 -12.84
N SER A 52 4.81 -1.41 -13.74
CA SER A 52 5.45 -2.13 -14.84
C SER A 52 6.10 -1.20 -15.86
N GLU A 53 5.94 0.11 -15.72
CA GLU A 53 6.47 1.07 -16.68
C GLU A 53 7.49 2.04 -16.12
N ILE A 54 7.67 2.09 -14.80
CA ILE A 54 8.64 3.01 -14.23
C ILE A 54 10.05 2.45 -14.40
N LYS A 55 11.05 3.33 -14.27
CA LYS A 55 12.43 2.94 -14.48
C LYS A 55 12.83 1.83 -13.52
N LEU A 56 13.75 0.97 -13.97
CA LEU A 56 14.37 0.02 -13.08
C LEU A 56 15.17 0.75 -12.01
N GLY A 57 15.09 0.26 -10.78
CA GLY A 57 15.68 0.95 -9.65
C GLY A 57 14.78 1.98 -9.01
N SER A 58 13.56 2.14 -9.50
CA SER A 58 12.62 3.08 -8.92
C SER A 58 11.69 2.37 -7.94
N ASP A 59 11.14 3.15 -7.01
CA ASP A 59 10.11 2.67 -6.10
C ASP A 59 8.87 3.54 -6.21
N TYR A 60 7.72 2.92 -5.94
CA TYR A 60 6.52 3.63 -5.53
C TYR A 60 6.28 3.32 -4.06
N SER A 61 5.97 4.35 -3.27
CA SER A 61 5.64 4.15 -1.87
C SER A 61 4.39 4.97 -1.54
N LEU A 62 3.40 4.31 -0.94
CA LEU A 62 2.21 4.97 -0.41
C LEU A 62 2.23 4.79 1.11
N PHE A 63 2.39 5.89 1.82
CA PHE A 63 2.45 5.88 3.27
C PHE A 63 1.47 6.91 3.81
N LYS A 64 0.95 6.64 5.01
CA LYS A 64 0.11 7.61 5.68
C LYS A 64 0.85 8.93 5.78
N LYS A 65 0.10 10.03 5.66
CA LYS A 65 0.71 11.34 5.70
C LYS A 65 1.58 11.48 6.94
N ASN A 66 2.72 12.15 6.77
CA ASN A 66 3.69 12.46 7.80
C ASN A 66 4.56 11.25 8.15
N ILE A 67 4.30 10.07 7.60
CA ILE A 67 5.17 8.91 7.76
C ILE A 67 6.03 8.82 6.51
N ARG A 68 7.33 9.05 6.67
CA ARG A 68 8.24 8.91 5.55
C ARG A 68 8.48 7.43 5.24
N PRO A 69 8.71 7.07 3.91
CA PRO A 69 8.89 5.65 3.54
C PRO A 69 10.32 5.15 3.81
N MET A 70 10.74 5.24 5.07
CA MET A 70 12.12 4.89 5.40
C MET A 70 12.19 4.36 6.82
N TRP A 71 13.28 3.62 7.08
CA TRP A 71 13.49 3.03 8.40
C TRP A 71 13.58 4.11 9.47
N GLU A 72 14.22 5.24 9.16
CA GLU A 72 14.55 6.23 10.17
C GLU A 72 13.29 6.83 10.80
N ASP A 73 12.18 6.89 10.05
CA ASP A 73 10.98 7.52 10.57
C ASP A 73 10.52 6.82 11.85
N ALA A 74 10.15 7.62 12.85
CA ALA A 74 9.77 7.07 14.15
C ALA A 74 8.64 6.07 14.03
N ALA A 75 7.74 6.26 13.06
CA ALA A 75 6.64 5.32 12.89
C ALA A 75 7.10 3.98 12.35
N ASN A 76 8.31 3.90 11.80
CA ASN A 76 8.82 2.66 11.21
C ASN A 76 10.01 2.07 11.98
N LYS A 77 10.58 2.80 12.94
CA LYS A 77 11.77 2.29 13.63
C LYS A 77 11.52 0.92 14.24
N GLN A 78 10.45 0.79 15.03
CA GLN A 78 10.12 -0.46 15.69
C GLN A 78 9.24 -1.37 14.85
N GLY A 79 9.17 -1.13 13.53
CA GLY A 79 8.30 -1.86 12.66
C GLY A 79 9.04 -2.86 11.77
N GLY A 80 8.25 -3.49 10.90
CA GLY A 80 8.76 -4.44 9.93
C GLY A 80 7.95 -4.37 8.64
N ARG A 81 8.19 -5.28 7.70
CA ARG A 81 7.50 -5.25 6.42
C ARG A 81 7.16 -6.66 5.98
N TRP A 82 5.95 -6.81 5.43
CA TRP A 82 5.54 -8.06 4.78
C TRP A 82 6.03 -8.01 3.34
N VAL A 83 7.10 -8.74 3.04
CA VAL A 83 7.73 -8.71 1.73
C VAL A 83 7.08 -9.75 0.84
N ILE A 84 6.81 -9.37 -0.40
CA ILE A 84 6.23 -10.26 -1.40
C ILE A 84 7.17 -10.22 -2.60
N THR A 85 8.16 -11.12 -2.61
CA THR A 85 9.03 -11.25 -3.77
C THR A 85 8.26 -11.92 -4.90
N LEU A 86 8.17 -11.23 -6.04
CA LEU A 86 7.38 -11.73 -7.16
C LEU A 86 8.25 -12.55 -8.09
N ASN A 87 7.69 -13.65 -8.58
CA ASN A 87 8.43 -14.57 -9.44
C ASN A 87 8.23 -14.21 -10.92
N LYS A 88 8.62 -12.98 -11.26
CA LYS A 88 8.71 -12.58 -12.66
C LYS A 88 7.36 -12.78 -13.36
N SER A 89 6.31 -12.22 -12.77
CA SER A 89 4.99 -12.30 -13.35
C SER A 89 4.88 -11.34 -14.54
N SER A 90 3.73 -11.37 -15.21
CA SER A 90 3.49 -10.44 -16.30
C SER A 90 3.36 -9.01 -15.76
N LYS A 91 3.26 -8.06 -16.69
CA LYS A 91 3.13 -6.67 -16.30
C LYS A 91 1.78 -6.39 -15.65
N THR A 92 0.70 -6.95 -16.22
CA THR A 92 -0.63 -6.73 -15.66
C THR A 92 -0.77 -7.36 -14.28
N ASP A 93 -0.26 -8.58 -14.11
CA ASP A 93 -0.28 -9.20 -12.80
C ASP A 93 0.49 -8.35 -11.79
N LEU A 94 1.64 -7.82 -12.20
CA LEU A 94 2.38 -6.91 -11.34
C LEU A 94 1.55 -5.70 -10.96
N ASP A 95 1.04 -4.99 -11.97
CA ASP A 95 0.30 -3.76 -11.72
C ASP A 95 -0.97 -4.03 -10.93
N ASN A 96 -1.68 -5.11 -11.25
CA ASN A 96 -2.90 -5.42 -10.52
C ASN A 96 -2.60 -5.76 -9.06
N LEU A 97 -1.47 -6.40 -8.79
CA LEU A 97 -1.11 -6.72 -7.42
C LEU A 97 -0.81 -5.45 -6.64
N TRP A 98 -0.04 -4.54 -7.22
CA TRP A 98 0.27 -3.28 -6.56
C TRP A 98 -1.00 -2.48 -6.27
N LEU A 99 -1.86 -2.34 -7.28
CA LEU A 99 -3.10 -1.60 -7.09
C LEU A 99 -3.94 -2.24 -5.98
N ASP A 100 -4.09 -3.56 -6.02
CA ASP A 100 -4.86 -4.24 -4.97
C ASP A 100 -4.26 -3.97 -3.60
N VAL A 101 -2.94 -3.90 -3.50
CA VAL A 101 -2.30 -3.51 -2.25
C VAL A 101 -2.71 -2.11 -1.86
N LEU A 102 -2.61 -1.17 -2.81
CA LEU A 102 -3.02 0.20 -2.53
C LEU A 102 -4.48 0.25 -2.07
N LEU A 103 -5.35 -0.52 -2.71
CA LEU A 103 -6.76 -0.51 -2.33
C LEU A 103 -6.96 -1.12 -0.95
N CYS A 104 -6.14 -2.10 -0.58
CA CYS A 104 -6.17 -2.61 0.79
C CYS A 104 -5.83 -1.50 1.78
N LEU A 105 -4.81 -0.70 1.46
CA LEU A 105 -4.37 0.36 2.37
C LEU A 105 -5.43 1.44 2.52
N ILE A 106 -5.80 2.09 1.41
CA ILE A 106 -6.70 3.24 1.52
C ILE A 106 -8.11 2.79 1.90
N GLY A 107 -8.47 1.56 1.56
CA GLY A 107 -9.76 1.03 1.94
C GLY A 107 -9.84 0.54 3.37
N GLU A 108 -8.72 0.51 4.08
CA GLU A 108 -8.70 0.10 5.49
C GLU A 108 -9.24 -1.32 5.65
N ALA A 109 -8.66 -2.25 4.89
CA ALA A 109 -9.13 -3.63 4.86
C ALA A 109 -8.64 -4.46 6.04
N PHE A 110 -7.70 -3.95 6.84
CA PHE A 110 -7.09 -4.73 7.91
C PHE A 110 -7.75 -4.38 9.24
N ASP A 111 -7.94 -5.41 10.08
CA ASP A 111 -8.40 -5.17 11.45
C ASP A 111 -7.45 -4.24 12.18
N HIS A 112 -6.15 -4.51 12.09
CA HIS A 112 -5.12 -3.65 12.66
C HIS A 112 -4.65 -2.60 11.67
N SER A 113 -5.58 -1.96 10.96
CA SER A 113 -5.21 -0.93 10.01
C SER A 113 -4.38 0.17 10.66
N ASP A 114 -4.61 0.43 11.94
CA ASP A 114 -3.82 1.43 12.64
C ASP A 114 -2.33 1.07 12.66
N GLN A 115 -2.00 -0.22 12.54
CA GLN A 115 -0.61 -0.65 12.47
C GLN A 115 0.00 -0.49 11.09
N ILE A 116 -0.82 -0.28 10.06
CA ILE A 116 -0.28 -0.08 8.72
C ILE A 116 0.41 1.27 8.65
N CYS A 117 1.62 1.28 8.10
CA CYS A 117 2.33 2.52 7.82
C CYS A 117 2.29 2.89 6.34
N GLY A 118 2.48 1.90 5.47
CA GLY A 118 2.45 2.14 4.05
C GLY A 118 2.83 0.89 3.30
N ALA A 119 3.10 1.07 2.01
CA ALA A 119 3.53 -0.03 1.16
C ALA A 119 4.56 0.49 0.17
N VAL A 120 5.47 -0.39 -0.23
CA VAL A 120 6.54 -0.06 -1.16
C VAL A 120 6.59 -1.16 -2.23
N ILE A 121 6.71 -0.76 -3.48
CA ILE A 121 7.01 -1.68 -4.56
C ILE A 121 8.36 -1.29 -5.15
N ASN A 122 9.27 -2.27 -5.24
CA ASN A 122 10.58 -2.07 -5.82
C ASN A 122 10.59 -2.67 -7.22
N ILE A 123 10.85 -1.85 -8.22
CA ILE A 123 11.00 -2.30 -9.60
C ILE A 123 12.49 -2.47 -9.84
N ARG A 124 12.91 -3.72 -10.06
CA ARG A 124 14.32 -4.05 -10.22
C ARG A 124 14.49 -4.99 -11.41
N GLY A 125 15.74 -5.23 -11.77
CA GLY A 125 16.04 -6.08 -12.91
C GLY A 125 15.79 -7.55 -12.62
N LYS A 126 16.41 -8.07 -11.57
CA LYS A 126 16.30 -9.49 -11.25
C LYS A 126 14.87 -9.85 -10.91
N SER A 127 14.28 -9.18 -9.93
CA SER A 127 12.93 -9.49 -9.50
C SER A 127 12.31 -8.27 -8.84
N ASN A 128 11.00 -8.17 -8.92
CA ASN A 128 10.26 -7.08 -8.30
C ASN A 128 9.82 -7.50 -6.90
N LYS A 129 9.45 -6.50 -6.10
CA LYS A 129 9.20 -6.71 -4.68
C LYS A 129 8.12 -5.75 -4.21
N ILE A 130 7.14 -6.28 -3.50
CA ILE A 130 6.07 -5.48 -2.91
C ILE A 130 6.08 -5.73 -1.41
N SER A 131 6.12 -4.64 -0.64
CA SER A 131 6.21 -4.72 0.82
C SER A 131 5.16 -3.84 1.46
N ILE A 132 4.55 -4.34 2.54
CA ILE A 132 3.65 -3.56 3.39
C ILE A 132 4.34 -3.34 4.72
N TRP A 133 4.59 -2.08 5.05
CA TRP A 133 5.26 -1.71 6.28
C TRP A 133 4.25 -1.58 7.40
N THR A 134 4.53 -2.24 8.52
CA THR A 134 3.73 -2.13 9.74
C THR A 134 4.55 -1.43 10.83
N ALA A 135 3.84 -1.01 11.88
CA ALA A 135 4.44 -0.10 12.85
C ALA A 135 5.24 -0.83 13.92
N ASP A 136 4.77 -1.99 14.39
CA ASP A 136 5.37 -2.67 15.54
C ASP A 136 5.64 -4.13 15.18
N GLY A 137 6.91 -4.46 14.95
CA GLY A 137 7.26 -5.83 14.65
C GLY A 137 7.04 -6.78 15.81
N ASN A 138 7.12 -6.27 17.03
CA ASN A 138 6.87 -7.11 18.20
C ASN A 138 5.40 -7.47 18.34
N ASN A 139 4.51 -6.76 17.65
CA ASN A 139 3.07 -7.02 17.70
C ASN A 139 2.76 -8.21 16.79
N GLU A 140 2.97 -9.41 17.32
CA GLU A 140 2.74 -10.62 16.53
C GLU A 140 1.28 -10.73 16.11
N GLU A 141 0.36 -10.35 17.00
CA GLU A 141 -1.06 -10.42 16.67
C GLU A 141 -1.38 -9.59 15.43
N ALA A 142 -0.85 -8.37 15.36
CA ALA A 142 -1.12 -7.49 14.23
C ALA A 142 -0.37 -7.92 12.98
N ALA A 143 0.88 -8.39 13.14
CA ALA A 143 1.65 -8.82 11.98
C ALA A 143 1.01 -10.01 11.30
N LEU A 144 0.52 -10.99 12.08
CA LEU A 144 -0.08 -12.16 11.49
C LEU A 144 -1.45 -11.85 10.88
N GLU A 145 -2.24 -11.01 11.57
CA GLU A 145 -3.54 -10.63 11.03
C GLU A 145 -3.38 -9.93 9.68
N ILE A 146 -2.45 -8.99 9.59
CA ILE A 146 -2.19 -8.32 8.32
C ILE A 146 -1.63 -9.31 7.31
N GLY A 147 -0.75 -10.21 7.75
CA GLY A 147 -0.22 -11.22 6.85
C GLY A 147 -1.31 -12.13 6.32
N HIS A 148 -2.10 -12.72 7.23
CA HIS A 148 -3.20 -13.57 6.79
C HIS A 148 -4.17 -12.81 5.90
N LYS A 149 -4.51 -11.58 6.27
CA LYS A 149 -5.43 -10.80 5.47
C LYS A 149 -4.84 -10.47 4.10
N LEU A 150 -3.50 -10.38 4.01
CA LEU A 150 -2.88 -10.05 2.74
C LEU A 150 -3.02 -11.19 1.74
N ARG A 151 -2.61 -12.40 2.13
CA ARG A 151 -2.74 -13.54 1.23
C ARG A 151 -4.19 -13.87 0.93
N ASP A 152 -5.13 -13.36 1.74
CA ASP A 152 -6.55 -13.56 1.48
C ASP A 152 -7.09 -12.52 0.50
N ALA A 153 -6.86 -11.23 0.79
CA ALA A 153 -7.31 -10.19 -0.13
C ALA A 153 -6.57 -10.25 -1.46
N LEU A 154 -5.32 -10.70 -1.45
CA LEU A 154 -4.54 -10.92 -2.66
C LEU A 154 -4.66 -12.37 -3.07
N ARG A 155 -4.60 -12.62 -4.38
CA ARG A 155 -4.80 -13.97 -4.89
C ARG A 155 -3.74 -14.90 -4.31
N LEU A 156 -4.17 -15.97 -3.66
CA LEU A 156 -3.24 -16.94 -3.12
C LEU A 156 -2.30 -17.43 -4.22
N GLY A 157 -1.00 -17.33 -3.94
CA GLY A 157 0.00 -17.75 -4.91
C GLY A 157 0.89 -18.85 -4.39
N ARG A 158 0.69 -20.06 -4.90
CA ARG A 158 1.60 -21.17 -4.58
C ARG A 158 3.04 -20.77 -4.85
N ASN A 159 3.26 -19.85 -5.79
CA ASN A 159 4.59 -19.51 -6.24
C ASN A 159 5.23 -18.39 -5.40
N ASN A 160 4.46 -17.37 -5.05
CA ASN A 160 4.96 -16.29 -4.20
C ASN A 160 4.51 -16.50 -2.77
N SER A 161 5.43 -16.30 -1.83
CA SER A 161 5.14 -16.42 -0.40
C SER A 161 5.28 -15.07 0.29
N LEU A 162 4.89 -15.06 1.55
CA LEU A 162 5.02 -13.89 2.41
C LEU A 162 6.24 -14.04 3.31
N GLN A 163 6.95 -12.93 3.53
CA GLN A 163 8.12 -12.91 4.39
C GLN A 163 8.09 -11.62 5.19
N TYR A 164 7.96 -11.74 6.51
CA TYR A 164 7.97 -10.57 7.39
C TYR A 164 9.38 -10.37 7.92
N GLN A 165 9.94 -9.19 7.66
CA GLN A 165 11.30 -8.86 8.08
C GLN A 165 11.27 -7.57 8.90
N LEU A 166 11.83 -7.64 10.10
CA LEU A 166 11.91 -6.46 10.96
C LEU A 166 12.85 -5.42 10.36
N HIS A 167 12.43 -4.16 10.43
CA HIS A 167 13.27 -3.07 9.92
C HIS A 167 14.57 -2.97 10.72
N LYS A 168 14.53 -3.29 12.01
CA LYS A 168 15.76 -3.29 12.80
C LYS A 168 16.80 -4.23 12.22
N ASP A 169 16.36 -5.29 11.55
CA ASP A 169 17.28 -6.29 11.00
C ASP A 169 17.77 -5.90 9.59
N THR A 170 16.84 -5.70 8.66
CA THR A 170 17.24 -5.35 7.29
C THR A 170 18.03 -4.06 7.24
N MET A 171 17.90 -3.19 8.26
CA MET A 171 18.68 -1.97 8.29
C MET A 171 20.15 -2.25 8.56
N VAL A 172 20.45 -3.28 9.34
CA VAL A 172 21.85 -3.61 9.65
C VAL A 172 22.51 -4.30 8.47
N LYS A 173 21.80 -5.23 7.83
CA LYS A 173 22.38 -6.03 6.75
C LYS A 173 22.14 -5.32 5.43
N GLN A 174 23.18 -4.68 4.90
CA GLN A 174 23.08 -3.93 3.66
C GLN A 174 23.38 -4.84 2.47
N ASN A 177 20.31 -12.82 2.70
CA ASN A 177 21.16 -11.98 3.55
C ASN A 177 20.39 -11.47 4.78
N VAL A 178 19.07 -11.58 4.74
CA VAL A 178 18.19 -10.96 5.74
C VAL A 178 17.19 -12.01 6.21
N LYS A 179 17.07 -12.16 7.53
CA LYS A 179 16.24 -13.21 8.10
C LYS A 179 14.76 -12.85 8.01
N SER A 180 13.92 -13.88 7.99
CA SER A 180 12.47 -13.73 7.95
C SER A 180 11.90 -14.27 9.26
N ILE A 181 11.20 -13.40 10.00
CA ILE A 181 10.65 -13.77 11.29
C ILE A 181 9.27 -14.40 11.20
N TYR A 182 8.60 -14.28 10.05
CA TYR A 182 7.36 -15.00 9.79
C TYR A 182 7.38 -15.49 8.34
N THR A 183 6.49 -16.44 8.04
CA THR A 183 6.36 -16.95 6.68
C THR A 183 4.95 -17.49 6.51
N LEU A 184 4.16 -16.82 5.68
CA LEU A 184 2.79 -17.24 5.41
C LEU A 184 2.61 -17.56 3.93
N GLY B 1 -20.87 3.97 -17.38
CA GLY B 1 -20.16 3.58 -16.19
C GLY B 1 -21.02 3.63 -14.94
N PRO B 2 -20.46 3.23 -13.80
CA PRO B 2 -21.24 3.23 -12.56
C PRO B 2 -21.79 4.61 -12.25
N HIS B 3 -23.01 4.63 -11.70
CA HIS B 3 -23.73 5.86 -11.40
C HIS B 3 -23.74 6.09 -9.90
N MET B 4 -23.44 7.33 -9.49
CA MET B 4 -23.35 7.64 -8.07
C MET B 4 -24.62 7.28 -7.32
N SER B 5 -25.77 7.39 -7.97
CA SER B 5 -27.04 7.16 -7.30
C SER B 5 -27.27 5.69 -6.97
N ILE B 6 -26.54 4.78 -7.60
CA ILE B 6 -26.75 3.35 -7.40
C ILE B 6 -25.58 2.68 -6.69
N ILE B 7 -24.59 3.46 -6.25
CA ILE B 7 -23.52 2.88 -5.44
C ILE B 7 -24.12 2.30 -4.18
N ASN B 8 -23.81 1.04 -3.91
CA ASN B 8 -24.30 0.37 -2.72
C ASN B 8 -23.35 0.61 -1.56
N TYR B 9 -23.92 0.86 -0.38
CA TYR B 9 -23.16 1.07 0.84
C TYR B 9 -23.58 0.06 1.88
N ASN B 10 -22.61 -0.62 2.48
CA ASN B 10 -22.89 -1.58 3.53
C ASN B 10 -23.42 -0.85 4.77
N GLU B 11 -24.05 -1.62 5.65
CA GLU B 11 -24.54 -1.05 6.90
C GLU B 11 -23.38 -0.59 7.76
N GLY B 12 -23.52 0.60 8.34
CA GLY B 12 -22.46 1.19 9.14
C GLY B 12 -21.32 1.78 8.35
N GLN B 13 -21.31 1.63 7.03
CA GLN B 13 -20.26 2.21 6.21
C GLN B 13 -20.55 3.68 5.93
N TRP B 14 -19.48 4.46 5.77
CA TRP B 14 -19.65 5.85 5.37
C TRP B 14 -20.35 5.93 4.02
N SER B 15 -21.29 6.87 3.91
CA SER B 15 -21.96 7.17 2.66
C SER B 15 -22.35 8.63 2.68
N PRO B 16 -22.65 9.22 1.51
CA PRO B 16 -23.04 10.63 1.49
C PRO B 16 -24.27 10.92 2.34
N ASN B 17 -25.01 9.86 2.68
CA ASN B 17 -26.17 9.98 3.57
C ASN B 17 -25.88 9.45 4.97
N ASN B 18 -24.64 9.05 5.26
CA ASN B 18 -24.27 8.52 6.57
C ASN B 18 -22.85 8.97 6.90
N PRO B 19 -22.68 10.24 7.26
CA PRO B 19 -21.32 10.74 7.51
C PRO B 19 -20.65 10.11 8.71
N SER B 20 -21.39 9.44 9.58
CA SER B 20 -20.83 8.79 10.76
C SER B 20 -20.31 7.39 10.47
N GLY B 21 -20.66 6.82 9.32
CA GLY B 21 -20.27 5.45 9.03
C GLY B 21 -18.77 5.29 8.89
N LYS B 22 -18.31 4.06 9.11
CA LYS B 22 -16.89 3.75 9.01
C LYS B 22 -16.37 4.08 7.61
N LYS B 23 -15.24 4.78 7.56
CA LYS B 23 -14.59 5.10 6.29
C LYS B 23 -13.72 3.92 5.86
N GLN B 24 -14.41 2.82 5.55
CA GLN B 24 -13.80 1.58 5.07
C GLN B 24 -14.47 1.20 3.76
N TYR B 25 -13.67 0.85 2.75
CA TYR B 25 -14.18 0.56 1.42
C TYR B 25 -13.59 -0.75 0.92
N ASP B 26 -14.47 -1.63 0.43
CA ASP B 26 -14.03 -2.86 -0.20
C ASP B 26 -13.28 -2.56 -1.50
N ARG B 27 -12.59 -3.58 -2.01
CA ARG B 27 -11.88 -3.44 -3.27
C ARG B 27 -12.85 -3.10 -4.41
N GLU B 28 -13.92 -3.87 -4.53
CA GLU B 28 -14.88 -3.62 -5.61
C GLU B 28 -15.52 -2.24 -5.48
N GLN B 29 -15.71 -1.77 -4.25
CA GLN B 29 -16.29 -0.44 -4.05
C GLN B 29 -15.35 0.64 -4.58
N LEU B 30 -14.06 0.53 -4.26
CA LEU B 30 -13.09 1.51 -4.75
C LEU B 30 -13.00 1.50 -6.27
N LEU B 31 -12.95 0.31 -6.87
CA LEU B 31 -12.94 0.22 -8.32
C LEU B 31 -14.21 0.81 -8.91
N GLN B 32 -15.33 0.65 -8.21
CA GLN B 32 -16.60 1.20 -8.68
C GLN B 32 -16.54 2.71 -8.78
N LEU B 33 -15.88 3.36 -7.81
CA LEU B 33 -15.78 4.82 -7.78
C LEU B 33 -14.68 5.35 -8.69
N ARG B 34 -13.92 4.48 -9.36
CA ARG B 34 -12.85 4.95 -10.22
C ARG B 34 -13.37 5.78 -11.39
N GLU B 35 -14.65 5.65 -11.73
CA GLU B 35 -15.24 6.41 -12.83
C GLU B 35 -16.12 7.52 -12.25
N VAL B 36 -15.87 8.75 -12.71
CA VAL B 36 -16.61 9.90 -12.21
C VAL B 36 -18.07 9.79 -12.63
#